data_6K7R
#
_entry.id   6K7R
#
_cell.length_a   119.870
_cell.length_b   84.470
_cell.length_c   55.230
_cell.angle_alpha   90.00
_cell.angle_beta   93.31
_cell.angle_gamma   90.00
#
_symmetry.space_group_name_H-M   'C 1 2 1'
#
loop_
_entity.id
_entity.type
_entity.pdbx_description
1 polymer 'Thymidylate synthase'
2 non-polymer "2'-DEOXYURIDINE 5'-MONOPHOSPHATE"
3 water water
#
_entity_poly.entity_id   1
_entity_poly.type   'polypeptide(L)'
_entity_poly.pdbx_seq_one_letter_code
;SNAMRHDEYQYLDLIRQIMRTGNRKGDRTGTGTISMFGAQMRYSLRDGIFPLLTTKRVFWRGVAEELLWFVRGSTNAKEL
QEKDIHIWDGNSSKEFLNKMGFHDREEGDLGPVYGFQWRHFGAPYADMHTDYTGQGVDQLQQVIDTIKNNPDDRRIIMCA
WNPVDVPKMALPPCHCLCQFYVANGELSCQLYQRSADMGLGVPFNIASYALLTYMIAHVTDLKPGDFVHTLGDAHVYSNH
CEALEEQLKREPRPFPSLKIKRKVENISDFKFEDFELDGYKPHPKIKMEMAV
;
_entity_poly.pdbx_strand_id   A,B
#
loop_
_chem_comp.id
_chem_comp.type
_chem_comp.name
_chem_comp.formula
UMP non-polymer '2'-DEOXYURIDINE 5'-MONOPHOSPHATE' 'C9 H13 N2 O8 P'
#
# COMPACT_ATOMS: atom_id res chain seq x y z
N ARG A 5 26.03 -8.98 -0.93
CA ARG A 5 25.20 -10.10 -1.39
C ARG A 5 24.31 -9.64 -2.56
N HIS A 6 24.27 -10.45 -3.64
CA HIS A 6 23.48 -10.18 -4.85
C HIS A 6 22.04 -9.95 -4.42
N ASP A 7 21.41 -8.88 -4.96
CA ASP A 7 20.03 -8.56 -4.58
C ASP A 7 19.04 -9.70 -4.91
N GLU A 8 19.31 -10.53 -5.93
CA GLU A 8 18.37 -11.60 -6.30
C GLU A 8 18.25 -12.64 -5.17
N TYR A 9 19.21 -12.70 -4.23
CA TYR A 9 19.09 -13.64 -3.11
C TYR A 9 17.88 -13.32 -2.22
N GLN A 10 17.39 -12.07 -2.21
CA GLN A 10 16.20 -11.76 -1.41
C GLN A 10 15.01 -12.55 -1.95
N TYR A 11 14.91 -12.63 -3.29
CA TYR A 11 13.83 -13.31 -4.00
C TYR A 11 13.96 -14.84 -3.75
N LEU A 12 15.15 -15.40 -3.96
CA LEU A 12 15.40 -16.82 -3.71
C LEU A 12 15.15 -17.19 -2.25
N ASP A 13 15.60 -16.35 -1.31
CA ASP A 13 15.40 -16.62 0.12
C ASP A 13 13.94 -16.67 0.46
N LEU A 14 13.11 -15.75 -0.13
CA LEU A 14 11.67 -15.78 0.16
C LEU A 14 11.02 -17.04 -0.41
N ILE A 15 11.40 -17.47 -1.63
CA ILE A 15 10.86 -18.71 -2.18
C ILE A 15 11.20 -19.86 -1.25
N ARG A 16 12.48 -19.96 -0.80
CA ARG A 16 12.91 -21.04 0.10
C ARG A 16 12.07 -20.99 1.40
N GLN A 17 11.89 -19.80 1.99
CA GLN A 17 11.11 -19.60 3.23
C GLN A 17 9.65 -20.03 3.03
N ILE A 18 9.02 -19.61 1.91
CA ILE A 18 7.64 -20.00 1.62
C ILE A 18 7.48 -21.51 1.51
N MET A 19 8.36 -22.18 0.74
CA MET A 19 8.20 -23.61 0.57
C MET A 19 8.46 -24.38 1.86
N ARG A 20 9.37 -23.88 2.69
CA ARG A 20 9.75 -24.56 3.94
C ARG A 20 8.81 -24.26 5.12
N THR A 21 8.15 -23.08 5.18
CA THR A 21 7.33 -22.72 6.37
C THR A 21 5.95 -22.15 6.06
N GLY A 22 5.64 -21.99 4.78
CA GLY A 22 4.38 -21.38 4.37
C GLY A 22 3.14 -22.20 4.67
N ASN A 23 2.00 -21.54 4.47
CA ASN A 23 0.69 -22.11 4.72
C ASN A 23 0.11 -22.73 3.46
N ARG A 24 -0.31 -23.97 3.55
CA ARG A 24 -0.87 -24.66 2.42
C ARG A 24 -2.35 -24.35 2.36
N LYS A 25 -2.80 -23.89 1.19
CA LYS A 25 -4.23 -23.67 0.95
C LYS A 25 -4.65 -24.42 -0.31
N GLY A 26 -5.85 -24.99 -0.30
CA GLY A 26 -6.38 -25.76 -1.41
C GLY A 26 -7.04 -24.89 -2.46
N GLY A 32 -3.90 -25.05 -5.72
CA GLY A 32 -3.11 -25.28 -4.51
C GLY A 32 -1.90 -24.37 -4.42
N THR A 33 -1.75 -23.66 -3.27
CA THR A 33 -0.61 -22.78 -3.03
C THR A 33 -0.06 -22.98 -1.64
N ILE A 34 1.17 -22.50 -1.46
CA ILE A 34 1.82 -22.41 -0.17
C ILE A 34 2.15 -20.91 -0.10
N SER A 35 1.72 -20.26 0.98
CA SER A 35 1.83 -18.81 1.08
C SER A 35 2.31 -18.29 2.40
N MET A 36 2.76 -17.03 2.38
CA MET A 36 3.12 -16.29 3.58
C MET A 36 2.49 -14.92 3.38
N PHE A 37 2.29 -14.17 4.47
CA PHE A 37 1.72 -12.85 4.31
C PHE A 37 2.67 -11.78 4.79
N GLY A 38 2.99 -10.83 3.92
CA GLY A 38 3.87 -9.73 4.30
C GLY A 38 5.32 -10.01 4.04
N ALA A 39 5.88 -9.33 3.04
CA ALA A 39 7.32 -9.44 2.73
C ALA A 39 7.77 -8.14 2.09
N GLN A 40 9.08 -7.90 2.07
CA GLN A 40 9.62 -6.67 1.49
C GLN A 40 11.02 -6.96 0.98
N MET A 41 11.29 -6.51 -0.25
CA MET A 41 12.58 -6.64 -0.91
CA MET A 41 12.62 -6.61 -0.84
C MET A 41 13.04 -5.24 -1.35
N ARG A 42 14.36 -5.04 -1.47
CA ARG A 42 14.89 -3.77 -1.97
C ARG A 42 15.91 -4.10 -3.05
N TYR A 43 15.73 -3.48 -4.25
CA TYR A 43 16.65 -3.67 -5.37
C TYR A 43 17.30 -2.36 -5.73
N SER A 44 18.63 -2.30 -5.71
CA SER A 44 19.29 -1.10 -6.17
C SER A 44 19.11 -0.94 -7.68
N LEU A 45 18.87 0.29 -8.12
CA LEU A 45 18.74 0.65 -9.53
C LEU A 45 19.91 1.56 -9.93
N ARG A 46 20.90 1.73 -9.05
CA ARG A 46 21.99 2.69 -9.24
C ARG A 46 22.97 2.34 -10.31
N ASP A 47 23.63 3.38 -10.89
CA ASP A 47 24.73 3.22 -11.84
C ASP A 47 24.40 2.30 -13.03
N GLY A 48 23.17 2.42 -13.51
CA GLY A 48 22.72 1.66 -14.66
C GLY A 48 22.32 0.21 -14.38
N ILE A 49 22.35 -0.24 -13.12
CA ILE A 49 21.98 -1.61 -12.75
C ILE A 49 20.48 -1.76 -12.95
N PHE A 50 20.08 -2.84 -13.64
CA PHE A 50 18.67 -3.13 -13.88
C PHE A 50 18.31 -4.53 -13.32
N PRO A 51 17.41 -4.62 -12.31
CA PRO A 51 17.16 -5.90 -11.66
C PRO A 51 16.21 -6.85 -12.41
N LEU A 52 16.70 -7.31 -13.58
CA LEU A 52 15.97 -8.29 -14.37
C LEU A 52 16.58 -9.63 -13.88
N LEU A 53 15.76 -10.42 -13.17
CA LEU A 53 16.23 -11.64 -12.51
C LEU A 53 16.91 -12.63 -13.46
N THR A 54 17.96 -13.27 -12.96
CA THR A 54 18.83 -14.14 -13.77
C THR A 54 18.71 -15.64 -13.50
N THR A 55 18.13 -16.09 -12.36
CA THR A 55 18.10 -17.56 -12.11
C THR A 55 17.10 -18.28 -13.03
N LYS A 56 16.30 -17.50 -13.78
CA LYS A 56 15.32 -17.95 -14.77
C LYS A 56 15.08 -16.74 -15.71
N ARG A 57 14.99 -16.96 -17.05
CA ARG A 57 14.75 -15.88 -18.01
C ARG A 57 13.39 -15.16 -17.79
N VAL A 58 13.41 -13.82 -17.67
CA VAL A 58 12.21 -12.97 -17.53
C VAL A 58 11.88 -12.40 -18.91
N PHE A 59 10.57 -12.21 -19.19
CA PHE A 59 10.10 -11.73 -20.49
C PHE A 59 10.25 -10.21 -20.62
N TRP A 60 11.48 -9.76 -20.83
CA TRP A 60 11.83 -8.33 -20.97
C TRP A 60 10.99 -7.56 -21.99
N ARG A 61 10.80 -8.13 -23.20
CA ARG A 61 10.03 -7.49 -24.25
C ARG A 61 8.59 -7.22 -23.77
N GLY A 62 8.01 -8.21 -23.10
CA GLY A 62 6.66 -8.08 -22.53
C GLY A 62 6.60 -7.04 -21.43
N VAL A 63 7.61 -6.98 -20.54
CA VAL A 63 7.64 -5.98 -19.46
C VAL A 63 7.55 -4.56 -20.08
N ALA A 64 8.46 -4.27 -21.03
CA ALA A 64 8.56 -2.95 -21.63
C ALA A 64 7.35 -2.59 -22.49
N GLU A 65 6.89 -3.52 -23.35
CA GLU A 65 5.72 -3.20 -24.17
C GLU A 65 4.47 -3.00 -23.33
N GLU A 66 4.26 -3.85 -22.30
CA GLU A 66 3.08 -3.65 -21.44
C GLU A 66 3.19 -2.31 -20.74
N LEU A 67 4.39 -1.94 -20.23
CA LEU A 67 4.51 -0.68 -19.51
C LEU A 67 4.25 0.52 -20.45
N LEU A 68 4.73 0.48 -21.71
CA LEU A 68 4.48 1.57 -22.66
C LEU A 68 2.98 1.70 -22.95
N TRP A 69 2.29 0.55 -22.95
CA TRP A 69 0.84 0.49 -23.20
C TRP A 69 0.09 1.09 -21.98
N PHE A 70 0.55 0.81 -20.73
CA PHE A 70 -0.07 1.45 -19.54
C PHE A 70 0.13 2.96 -19.63
N VAL A 71 1.37 3.40 -19.97
CA VAL A 71 1.67 4.83 -20.02
C VAL A 71 0.78 5.57 -21.03
N ARG A 72 0.42 4.91 -22.16
CA ARG A 72 -0.48 5.50 -23.17
C ARG A 72 -1.91 5.58 -22.64
N GLY A 73 -2.20 4.92 -21.50
CA GLY A 73 -3.55 4.88 -20.92
C GLY A 73 -4.45 3.87 -21.62
N SER A 74 -3.88 2.94 -22.41
CA SER A 74 -4.72 2.02 -23.18
C SER A 74 -5.33 0.92 -22.30
N THR A 75 -6.53 0.50 -22.67
CA THR A 75 -7.24 -0.63 -22.06
C THR A 75 -7.62 -1.64 -23.14
N ASN A 76 -6.93 -1.56 -24.28
CA ASN A 76 -7.22 -2.39 -25.46
C ASN A 76 -6.14 -3.45 -25.63
N ALA A 77 -6.48 -4.70 -25.30
CA ALA A 77 -5.51 -5.81 -25.42
C ALA A 77 -5.07 -6.03 -26.86
N LYS A 78 -5.87 -5.59 -27.88
CA LYS A 78 -5.48 -5.78 -29.28
C LYS A 78 -4.20 -5.00 -29.62
N GLU A 79 -3.94 -3.89 -28.92
CA GLU A 79 -2.71 -3.13 -29.15
C GLU A 79 -1.46 -3.90 -28.69
N LEU A 80 -1.62 -4.80 -27.68
CA LEU A 80 -0.53 -5.67 -27.24
C LEU A 80 -0.40 -6.83 -28.21
N GLN A 81 -1.52 -7.40 -28.67
CA GLN A 81 -1.52 -8.51 -29.63
C GLN A 81 -0.82 -8.13 -30.93
N GLU A 82 -1.01 -6.87 -31.40
CA GLU A 82 -0.37 -6.35 -32.63
C GLU A 82 1.17 -6.35 -32.49
N LYS A 83 1.65 -6.34 -31.24
CA LYS A 83 3.07 -6.36 -30.91
C LYS A 83 3.53 -7.75 -30.43
N ASP A 84 2.68 -8.79 -30.65
CA ASP A 84 2.96 -10.17 -30.26
C ASP A 84 3.14 -10.31 -28.72
N ILE A 85 2.30 -9.56 -27.96
CA ILE A 85 2.25 -9.62 -26.49
C ILE A 85 0.88 -10.19 -26.18
N HIS A 86 0.87 -11.36 -25.53
CA HIS A 86 -0.36 -12.08 -25.27
C HIS A 86 -0.71 -12.25 -23.79
N ILE A 87 -0.04 -11.50 -22.90
CA ILE A 87 -0.26 -11.56 -21.44
C ILE A 87 -1.72 -11.28 -21.06
N TRP A 88 -2.45 -10.42 -21.81
CA TRP A 88 -3.83 -10.07 -21.47
C TRP A 88 -4.89 -10.77 -22.33
N ASP A 89 -4.48 -11.76 -23.15
CA ASP A 89 -5.34 -12.50 -24.09
C ASP A 89 -6.51 -13.28 -23.49
N GLY A 90 -6.21 -14.16 -22.54
CA GLY A 90 -7.21 -15.03 -21.92
C GLY A 90 -8.34 -14.28 -21.22
N ASN A 91 -8.08 -13.02 -20.87
CA ASN A 91 -9.02 -12.16 -20.16
C ASN A 91 -9.71 -11.12 -21.06
N SER A 92 -9.43 -11.16 -22.37
CA SER A 92 -9.98 -10.20 -23.33
C SER A 92 -10.87 -10.80 -24.42
N SER A 93 -11.02 -12.14 -24.44
CA SER A 93 -11.87 -12.85 -25.41
C SER A 93 -13.33 -12.50 -25.13
N LYS A 94 -14.16 -12.43 -26.19
CA LYS A 94 -15.58 -12.12 -26.06
C LYS A 94 -16.32 -13.16 -25.19
N GLU A 95 -15.80 -14.41 -25.15
CA GLU A 95 -16.34 -15.52 -24.36
C GLU A 95 -16.08 -15.29 -22.87
N PHE A 96 -14.83 -14.89 -22.50
CA PHE A 96 -14.43 -14.63 -21.12
C PHE A 96 -15.17 -13.41 -20.57
N LEU A 97 -15.30 -12.35 -21.40
CA LEU A 97 -15.99 -11.11 -21.03
C LEU A 97 -17.49 -11.32 -20.79
N ASN A 98 -18.11 -12.27 -21.53
CA ASN A 98 -19.53 -12.64 -21.39
C ASN A 98 -19.76 -13.42 -20.10
N LYS A 99 -18.80 -14.28 -19.71
CA LYS A 99 -18.82 -15.11 -18.49
C LYS A 99 -18.82 -14.21 -17.23
N MET A 100 -18.11 -13.08 -17.25
CA MET A 100 -18.03 -12.13 -16.13
C MET A 100 -19.30 -11.30 -15.94
N GLY A 101 -20.05 -11.09 -17.02
CA GLY A 101 -21.29 -10.31 -17.00
C GLY A 101 -21.33 -9.14 -17.97
N PHE A 102 -20.19 -8.84 -18.63
CA PHE A 102 -20.10 -7.73 -19.58
C PHE A 102 -20.51 -8.21 -20.98
N HIS A 103 -21.78 -7.93 -21.35
CA HIS A 103 -22.38 -8.37 -22.61
C HIS A 103 -22.12 -7.43 -23.80
N ASP A 104 -22.14 -6.09 -23.60
CA ASP A 104 -21.92 -5.14 -24.69
C ASP A 104 -20.43 -4.78 -24.90
N ARG A 105 -19.53 -5.48 -24.17
CA ARG A 105 -18.07 -5.34 -24.17
C ARG A 105 -17.49 -6.06 -25.42
N GLU A 106 -16.76 -5.31 -26.28
CA GLU A 106 -16.15 -5.88 -27.49
C GLU A 106 -14.80 -6.56 -27.20
N GLU A 107 -14.40 -7.50 -28.09
CA GLU A 107 -13.15 -8.26 -28.01
C GLU A 107 -11.97 -7.31 -27.80
N GLY A 108 -11.16 -7.59 -26.77
CA GLY A 108 -9.98 -6.80 -26.44
C GLY A 108 -10.19 -5.75 -25.35
N ASP A 109 -11.46 -5.41 -25.07
CA ASP A 109 -11.79 -4.41 -24.05
C ASP A 109 -11.68 -4.97 -22.64
N LEU A 110 -10.57 -4.63 -21.97
CA LEU A 110 -10.28 -5.11 -20.63
C LEU A 110 -11.01 -4.34 -19.52
N GLY A 111 -11.72 -3.29 -19.89
CA GLY A 111 -12.35 -2.46 -18.86
C GLY A 111 -11.35 -1.47 -18.28
N PRO A 112 -11.70 -0.81 -17.14
CA PRO A 112 -10.84 0.27 -16.59
C PRO A 112 -9.64 -0.23 -15.78
N VAL A 113 -8.75 -0.90 -16.48
CA VAL A 113 -7.53 -1.48 -15.90
C VAL A 113 -6.42 -0.42 -15.77
N TYR A 114 -5.20 -0.84 -15.38
CA TYR A 114 -4.09 0.07 -15.09
C TYR A 114 -4.00 1.36 -15.91
N GLY A 115 -3.89 1.24 -17.24
CA GLY A 115 -3.75 2.42 -18.10
C GLY A 115 -4.77 3.50 -17.80
N PHE A 116 -6.02 3.08 -17.64
CA PHE A 116 -7.11 4.00 -17.36
C PHE A 116 -7.00 4.57 -15.96
N GLN A 117 -6.63 3.76 -14.98
CA GLN A 117 -6.52 4.27 -13.61
C GLN A 117 -5.35 5.24 -13.50
N TRP A 118 -4.24 4.97 -14.18
CA TRP A 118 -3.08 5.85 -14.07
C TRP A 118 -3.34 7.20 -14.71
N ARG A 119 -4.14 7.23 -15.81
CA ARG A 119 -4.37 8.45 -16.57
C ARG A 119 -5.70 9.15 -16.33
N HIS A 120 -6.69 8.41 -15.83
CA HIS A 120 -8.07 8.92 -15.71
C HIS A 120 -8.79 8.43 -14.45
N PHE A 121 -8.09 8.30 -13.31
CA PHE A 121 -8.73 7.75 -12.11
C PHE A 121 -9.98 8.53 -11.77
N GLY A 122 -11.10 7.83 -11.59
CA GLY A 122 -12.34 8.48 -11.20
C GLY A 122 -13.27 8.82 -12.35
N ALA A 123 -12.77 8.73 -13.60
CA ALA A 123 -13.65 9.00 -14.75
C ALA A 123 -14.60 7.83 -14.97
N PRO A 124 -15.82 8.07 -15.47
CA PRO A 124 -16.70 6.94 -15.74
C PRO A 124 -16.21 6.20 -17.00
N TYR A 125 -16.00 4.90 -16.87
CA TYR A 125 -15.55 4.12 -18.03
C TYR A 125 -16.75 3.73 -18.90
N ALA A 126 -16.57 3.84 -20.23
CA ALA A 126 -17.57 3.45 -21.22
C ALA A 126 -16.95 2.28 -21.98
N ASP A 127 -16.04 2.54 -22.93
CA ASP A 127 -15.35 1.48 -23.64
C ASP A 127 -13.91 1.86 -23.93
N MET A 128 -13.14 0.94 -24.53
CA MET A 128 -11.73 1.16 -24.80
C MET A 128 -11.43 2.19 -25.90
N HIS A 129 -12.47 2.62 -26.65
CA HIS A 129 -12.27 3.60 -27.72
C HIS A 129 -12.72 5.01 -27.34
N THR A 130 -13.38 5.16 -26.18
CA THR A 130 -13.92 6.42 -25.67
C THR A 130 -12.81 7.44 -25.45
N ASP A 131 -13.08 8.69 -25.82
CA ASP A 131 -12.10 9.74 -25.60
C ASP A 131 -12.26 10.23 -24.17
N TYR A 132 -11.28 9.90 -23.30
CA TYR A 132 -11.30 10.31 -21.91
C TYR A 132 -10.49 11.55 -21.62
N THR A 133 -10.00 12.25 -22.66
CA THR A 133 -9.20 13.49 -22.52
C THR A 133 -9.83 14.45 -21.50
N GLY A 134 -9.08 14.81 -20.49
CA GLY A 134 -9.52 15.72 -19.44
C GLY A 134 -10.44 15.14 -18.39
N GLN A 135 -10.67 13.81 -18.41
CA GLN A 135 -11.56 13.19 -17.44
C GLN A 135 -10.75 12.43 -16.41
N GLY A 136 -11.13 12.58 -15.16
CA GLY A 136 -10.42 11.88 -14.08
C GLY A 136 -9.07 12.46 -13.73
N VAL A 137 -8.38 11.78 -12.79
CA VAL A 137 -7.09 12.26 -12.31
C VAL A 137 -5.96 11.58 -13.11
N ASP A 138 -5.08 12.40 -13.76
CA ASP A 138 -3.89 11.86 -14.43
C ASP A 138 -2.84 11.75 -13.35
N GLN A 139 -2.81 10.60 -12.67
CA GLN A 139 -1.89 10.40 -11.56
C GLN A 139 -0.46 10.30 -12.04
N LEU A 140 -0.20 9.74 -13.24
CA LEU A 140 1.19 9.63 -13.70
C LEU A 140 1.78 11.02 -13.95
N GLN A 141 1.05 11.90 -14.63
CA GLN A 141 1.59 13.25 -14.84
C GLN A 141 1.69 13.97 -13.50
N GLN A 142 0.73 13.75 -12.60
CA GLN A 142 0.79 14.39 -11.28
C GLN A 142 2.08 13.99 -10.53
N VAL A 143 2.47 12.68 -10.55
CA VAL A 143 3.67 12.29 -9.85
C VAL A 143 4.91 12.97 -10.47
N ILE A 144 4.96 13.06 -11.82
CA ILE A 144 6.07 13.75 -12.47
C ILE A 144 6.13 15.22 -12.08
N ASP A 145 4.98 15.91 -12.07
CA ASP A 145 4.95 17.34 -11.69
C ASP A 145 5.42 17.46 -10.22
N THR A 146 4.96 16.59 -9.31
CA THR A 146 5.38 16.69 -7.91
C THR A 146 6.86 16.44 -7.74
N ILE A 147 7.39 15.40 -8.41
CA ILE A 147 8.84 15.13 -8.29
C ILE A 147 9.66 16.35 -8.74
N LYS A 148 9.22 17.01 -9.83
CA LYS A 148 9.95 18.19 -10.34
C LYS A 148 9.83 19.40 -9.41
N ASN A 149 8.63 19.63 -8.87
CA ASN A 149 8.33 20.86 -8.13
C ASN A 149 8.40 20.81 -6.64
N ASN A 150 8.14 19.64 -6.05
CA ASN A 150 8.16 19.51 -4.60
C ASN A 150 8.64 18.11 -4.25
N PRO A 151 9.92 17.80 -4.53
CA PRO A 151 10.41 16.42 -4.36
C PRO A 151 10.35 15.85 -2.97
N ASP A 152 10.26 16.69 -1.91
CA ASP A 152 10.18 16.17 -0.56
C ASP A 152 8.77 15.75 -0.16
N ASP A 153 7.78 16.04 -1.04
CA ASP A 153 6.39 15.69 -0.79
C ASP A 153 6.26 14.22 -0.41
N ARG A 154 5.39 13.92 0.58
CA ARG A 154 5.23 12.55 1.05
C ARG A 154 3.90 11.94 0.54
N ARG A 155 3.35 12.51 -0.55
CA ARG A 155 2.09 12.02 -1.13
C ARG A 155 2.29 11.73 -2.61
N ILE A 156 3.52 11.32 -3.03
CA ILE A 156 3.78 11.10 -4.46
C ILE A 156 3.33 9.67 -4.77
N ILE A 157 2.04 9.50 -4.99
CA ILE A 157 1.39 8.19 -5.10
C ILE A 157 0.60 8.04 -6.37
N MET A 158 0.66 6.82 -6.92
CA MET A 158 -0.18 6.46 -8.06
CA MET A 158 -0.14 6.42 -8.09
C MET A 158 -0.91 5.19 -7.63
N CYS A 159 -2.24 5.23 -7.65
CA CYS A 159 -3.08 4.12 -7.16
C CYS A 159 -3.88 3.49 -8.26
N ALA A 160 -3.82 2.15 -8.41
CA ALA A 160 -4.64 1.48 -9.43
C ALA A 160 -5.80 0.75 -8.80
N TRP A 161 -5.76 0.55 -7.46
CA TRP A 161 -6.84 -0.13 -6.75
C TRP A 161 -7.97 0.87 -6.57
N ASN A 162 -8.97 0.77 -7.42
CA ASN A 162 -10.09 1.68 -7.38
C ASN A 162 -11.33 0.84 -7.04
N PRO A 163 -11.80 0.83 -5.78
CA PRO A 163 -12.95 -0.02 -5.40
C PRO A 163 -14.18 0.12 -6.30
N VAL A 164 -14.42 1.34 -6.85
CA VAL A 164 -15.58 1.51 -7.74
C VAL A 164 -15.41 0.69 -9.03
N ASP A 165 -14.20 0.70 -9.59
CA ASP A 165 -13.91 0.10 -10.90
C ASP A 165 -13.43 -1.32 -10.89
N VAL A 166 -12.90 -1.83 -9.76
CA VAL A 166 -12.39 -3.21 -9.73
C VAL A 166 -13.43 -4.21 -10.30
N PRO A 167 -14.75 -4.17 -9.94
CA PRO A 167 -15.71 -5.13 -10.53
C PRO A 167 -15.90 -5.06 -12.06
N LYS A 168 -15.49 -3.95 -12.70
CA LYS A 168 -15.64 -3.69 -14.15
C LYS A 168 -14.38 -4.13 -14.91
N MET A 169 -13.29 -4.38 -14.18
CA MET A 169 -12.01 -4.79 -14.81
C MET A 169 -12.04 -6.26 -15.20
N ALA A 170 -11.27 -6.61 -16.26
CA ALA A 170 -11.19 -8.00 -16.70
C ALA A 170 -10.61 -8.87 -15.56
N LEU A 171 -9.66 -8.31 -14.78
CA LEU A 171 -8.98 -8.94 -13.62
C LEU A 171 -8.74 -7.85 -12.57
N PRO A 172 -8.91 -8.13 -11.25
CA PRO A 172 -8.56 -7.12 -10.24
C PRO A 172 -7.03 -6.89 -10.23
N PRO A 173 -6.58 -5.64 -10.11
CA PRO A 173 -5.12 -5.38 -10.20
C PRO A 173 -4.34 -5.98 -9.04
N CYS A 174 -3.16 -6.55 -9.33
CA CYS A 174 -2.29 -7.07 -8.25
C CYS A 174 -1.49 -5.92 -7.71
N HIS A 175 -1.25 -4.88 -8.51
CA HIS A 175 -0.36 -3.75 -8.15
C HIS A 175 -1.19 -2.61 -7.71
N CYS A 176 -1.44 -2.56 -6.41
CA CYS A 176 -2.42 -1.65 -5.83
C CYS A 176 -2.01 -0.20 -5.90
N LEU A 177 -0.79 0.08 -5.48
CA LEU A 177 -0.30 1.44 -5.54
C LEU A 177 1.18 1.47 -5.56
N CYS A 178 1.71 2.57 -5.98
CA CYS A 178 3.15 2.79 -5.86
C CYS A 178 3.39 4.21 -5.36
N GLN A 179 4.51 4.39 -4.64
CA GLN A 179 4.84 5.67 -4.07
C GLN A 179 6.27 5.98 -4.47
N PHE A 180 6.55 7.25 -4.69
CA PHE A 180 7.92 7.69 -5.09
C PHE A 180 8.53 8.52 -3.98
N TYR A 181 9.86 8.60 -3.99
CA TYR A 181 10.63 9.32 -2.96
C TYR A 181 11.89 9.84 -3.59
N VAL A 182 12.34 11.05 -3.18
CA VAL A 182 13.54 11.64 -3.76
C VAL A 182 14.52 12.02 -2.66
N ALA A 183 15.76 11.61 -2.81
CA ALA A 183 16.83 11.99 -1.88
C ALA A 183 18.14 11.72 -2.54
N ASN A 184 19.18 12.47 -2.18
CA ASN A 184 20.53 12.22 -2.71
C ASN A 184 20.55 12.26 -4.24
N GLY A 185 19.71 13.07 -4.88
CA GLY A 185 19.67 13.15 -6.34
C GLY A 185 19.09 11.89 -6.99
N GLU A 186 18.44 11.03 -6.19
CA GLU A 186 17.92 9.74 -6.64
C GLU A 186 16.41 9.60 -6.46
N LEU A 187 15.77 8.91 -7.41
CA LEU A 187 14.35 8.60 -7.34
C LEU A 187 14.15 7.14 -6.95
N SER A 188 13.41 6.91 -5.87
CA SER A 188 13.10 5.54 -5.44
C SER A 188 11.58 5.33 -5.62
N CYS A 189 11.17 4.07 -5.67
CA CYS A 189 9.77 3.71 -5.85
C CYS A 189 9.48 2.54 -4.94
N GLN A 190 8.32 2.55 -4.31
CA GLN A 190 7.84 1.38 -3.54
C GLN A 190 6.53 0.94 -4.13
N LEU A 191 6.40 -0.36 -4.38
CA LEU A 191 5.18 -0.95 -4.91
C LEU A 191 4.50 -1.78 -3.84
N TYR A 192 3.17 -1.62 -3.68
CA TYR A 192 2.39 -2.52 -2.83
C TYR A 192 1.69 -3.50 -3.76
N GLN A 193 2.12 -4.78 -3.70
CA GLN A 193 1.54 -5.82 -4.54
C GLN A 193 0.73 -6.76 -3.62
N ARG A 194 -0.60 -6.78 -3.78
CA ARG A 194 -1.46 -7.56 -2.89
C ARG A 194 -1.31 -9.07 -3.01
N SER A 195 -0.85 -9.55 -4.18
CA SER A 195 -0.87 -10.97 -4.49
C SER A 195 0.30 -11.21 -5.41
N ALA A 196 1.19 -12.13 -5.02
CA ALA A 196 2.44 -12.32 -5.74
C ALA A 196 2.73 -13.78 -5.97
N ASP A 197 2.68 -14.21 -7.23
CA ASP A 197 3.04 -15.58 -7.64
C ASP A 197 4.57 -15.51 -7.72
N MET A 198 5.26 -16.08 -6.73
CA MET A 198 6.72 -15.98 -6.66
C MET A 198 7.42 -16.59 -7.87
N GLY A 199 6.87 -17.67 -8.38
CA GLY A 199 7.46 -18.41 -9.48
C GLY A 199 7.44 -17.70 -10.82
N LEU A 200 6.25 -17.26 -11.26
CA LEU A 200 6.08 -16.70 -12.60
C LEU A 200 5.71 -15.23 -12.69
N GLY A 201 5.19 -14.67 -11.62
CA GLY A 201 4.76 -13.28 -11.63
C GLY A 201 5.78 -12.29 -11.14
N VAL A 202 6.35 -12.54 -9.95
CA VAL A 202 7.24 -11.59 -9.27
C VAL A 202 8.43 -11.09 -10.12
N PRO A 203 9.19 -11.94 -10.85
CA PRO A 203 10.33 -11.36 -11.62
C PRO A 203 9.85 -10.31 -12.65
N PHE A 204 8.76 -10.60 -13.35
CA PHE A 204 8.18 -9.66 -14.32
C PHE A 204 7.81 -8.35 -13.62
N ASN A 205 7.15 -8.45 -12.45
CA ASN A 205 6.66 -7.32 -11.66
C ASN A 205 7.79 -6.43 -11.17
N ILE A 206 8.92 -7.03 -10.73
CA ILE A 206 10.08 -6.23 -10.33
C ILE A 206 10.54 -5.41 -11.54
N ALA A 207 10.70 -6.07 -12.69
CA ALA A 207 11.18 -5.38 -13.88
C ALA A 207 10.26 -4.24 -14.29
N SER A 208 8.92 -4.43 -14.25
CA SER A 208 7.99 -3.38 -14.63
C SER A 208 8.19 -2.11 -13.83
N TYR A 209 8.23 -2.24 -12.49
CA TYR A 209 8.29 -1.06 -11.65
C TYR A 209 9.72 -0.49 -11.58
N ALA A 210 10.75 -1.33 -11.78
CA ALA A 210 12.12 -0.81 -11.87
C ALA A 210 12.19 0.04 -13.19
N LEU A 211 11.54 -0.45 -14.28
CA LEU A 211 11.57 0.25 -15.56
C LEU A 211 10.80 1.56 -15.45
N LEU A 212 9.62 1.54 -14.80
CA LEU A 212 8.87 2.80 -14.61
C LEU A 212 9.73 3.84 -13.83
N THR A 213 10.46 3.38 -12.82
CA THR A 213 11.35 4.28 -12.07
C THR A 213 12.45 4.83 -12.97
N TYR A 214 13.05 3.99 -13.84
CA TYR A 214 14.06 4.48 -14.76
C TYR A 214 13.47 5.58 -15.68
N MET A 215 12.26 5.32 -16.21
CA MET A 215 11.59 6.28 -17.10
C MET A 215 11.28 7.62 -16.40
N ILE A 216 10.67 7.56 -15.20
CA ILE A 216 10.33 8.81 -14.51
C ILE A 216 11.60 9.53 -14.07
N ALA A 217 12.63 8.78 -13.60
CA ALA A 217 13.89 9.45 -13.24
C ALA A 217 14.45 10.20 -14.46
N HIS A 218 14.42 9.57 -15.64
CA HIS A 218 14.98 10.17 -16.84
C HIS A 218 14.28 11.49 -17.17
N VAL A 219 12.95 11.51 -17.10
CA VAL A 219 12.22 12.72 -17.47
C VAL A 219 12.18 13.78 -16.35
N THR A 220 12.60 13.42 -15.12
CA THR A 220 12.67 14.37 -14.01
C THR A 220 14.11 14.78 -13.66
N ASP A 221 15.10 14.39 -14.50
CA ASP A 221 16.51 14.74 -14.30
C ASP A 221 17.07 14.22 -12.97
N LEU A 222 16.60 13.01 -12.58
CA LEU A 222 17.09 12.36 -11.35
C LEU A 222 17.73 11.05 -11.75
N LYS A 223 18.45 10.43 -10.82
CA LYS A 223 19.08 9.13 -11.08
C LYS A 223 18.23 8.07 -10.39
N PRO A 224 18.03 6.88 -10.96
CA PRO A 224 17.29 5.83 -10.23
C PRO A 224 18.03 5.45 -8.90
N GLY A 225 17.24 5.25 -7.82
CA GLY A 225 17.75 4.89 -6.50
C GLY A 225 17.46 3.45 -6.17
N ASP A 226 16.37 3.22 -5.44
CA ASP A 226 15.96 1.85 -5.10
C ASP A 226 14.57 1.58 -5.58
N PHE A 227 14.30 0.29 -5.82
CA PHE A 227 12.93 -0.19 -6.01
C PHE A 227 12.65 -1.05 -4.78
N VAL A 228 11.61 -0.66 -3.98
CA VAL A 228 11.20 -1.38 -2.77
C VAL A 228 9.94 -2.15 -3.16
N HIS A 229 9.96 -3.46 -3.00
CA HIS A 229 8.84 -4.31 -3.39
C HIS A 229 8.19 -4.85 -2.18
N THR A 230 6.95 -4.42 -1.90
CA THR A 230 6.21 -4.93 -0.77
C THR A 230 5.13 -5.89 -1.23
N LEU A 231 5.05 -7.07 -0.57
CA LEU A 231 4.06 -8.09 -0.94
C LEU A 231 3.06 -8.32 0.17
N GLY A 232 1.84 -8.64 -0.24
CA GLY A 232 0.77 -9.05 0.66
C GLY A 232 0.82 -10.56 0.70
N ASP A 233 -0.05 -11.21 -0.08
CA ASP A 233 -0.11 -12.69 -0.14
C ASP A 233 0.98 -13.18 -1.11
N ALA A 234 2.13 -13.60 -0.58
CA ALA A 234 3.28 -14.05 -1.42
C ALA A 234 3.21 -15.58 -1.45
N HIS A 235 3.10 -16.18 -2.66
CA HIS A 235 2.83 -17.60 -2.72
C HIS A 235 3.53 -18.30 -3.84
N VAL A 236 3.63 -19.61 -3.67
CA VAL A 236 4.19 -20.52 -4.65
C VAL A 236 3.05 -21.51 -4.98
N TYR A 237 2.78 -21.76 -6.28
CA TYR A 237 1.82 -22.78 -6.64
C TYR A 237 2.44 -24.17 -6.39
N SER A 238 1.66 -25.08 -5.79
CA SER A 238 2.17 -26.42 -5.45
C SER A 238 2.83 -27.15 -6.60
N ASN A 239 2.30 -26.98 -7.82
CA ASN A 239 2.83 -27.65 -9.01
C ASN A 239 4.15 -27.06 -9.52
N HIS A 240 4.64 -25.97 -8.91
CA HIS A 240 5.90 -25.34 -9.29
C HIS A 240 7.03 -25.67 -8.30
N CYS A 241 6.72 -26.34 -7.17
CA CYS A 241 7.73 -26.61 -6.15
C CYS A 241 8.94 -27.39 -6.65
N GLU A 242 8.74 -28.44 -7.47
CA GLU A 242 9.87 -29.22 -7.98
C GLU A 242 10.79 -28.32 -8.83
N ALA A 243 10.21 -27.56 -9.77
CA ALA A 243 10.90 -26.62 -10.64
C ALA A 243 11.64 -25.55 -9.82
N LEU A 244 10.99 -25.03 -8.73
CA LEU A 244 11.60 -24.04 -7.86
C LEU A 244 12.74 -24.58 -7.04
N GLU A 245 12.67 -25.86 -6.62
CA GLU A 245 13.78 -26.50 -5.92
C GLU A 245 15.00 -26.57 -6.86
N GLU A 246 14.78 -26.79 -8.17
CA GLU A 246 15.86 -26.80 -9.17
C GLU A 246 16.41 -25.38 -9.35
N GLN A 247 15.54 -24.36 -9.38
CA GLN A 247 15.99 -22.98 -9.53
C GLN A 247 16.83 -22.49 -8.33
N LEU A 248 16.46 -22.93 -7.10
CA LEU A 248 17.16 -22.56 -5.87
C LEU A 248 18.62 -23.05 -5.84
N LYS A 249 18.98 -23.99 -6.73
CA LYS A 249 20.34 -24.52 -6.81
C LYS A 249 21.24 -23.56 -7.62
N ARG A 250 20.61 -22.61 -8.33
CA ARG A 250 21.28 -21.68 -9.22
C ARG A 250 21.78 -20.43 -8.57
N GLU A 251 23.01 -20.06 -8.94
CA GLU A 251 23.61 -18.84 -8.42
C GLU A 251 23.20 -17.66 -9.33
N PRO A 252 22.71 -16.53 -8.77
CA PRO A 252 22.39 -15.38 -9.64
C PRO A 252 23.64 -14.89 -10.37
N ARG A 253 23.45 -14.46 -11.61
CA ARG A 253 24.48 -13.86 -12.44
C ARG A 253 24.39 -12.34 -12.21
N PRO A 254 25.48 -11.57 -12.39
CA PRO A 254 25.38 -10.11 -12.26
C PRO A 254 24.24 -9.56 -13.13
N PHE A 255 23.48 -8.62 -12.58
CA PHE A 255 22.37 -8.06 -13.32
C PHE A 255 22.82 -7.32 -14.59
N PRO A 256 21.92 -7.20 -15.58
CA PRO A 256 22.23 -6.43 -16.77
C PRO A 256 22.23 -4.94 -16.45
N SER A 257 22.64 -4.13 -17.42
CA SER A 257 22.58 -2.69 -17.28
C SER A 257 21.51 -2.16 -18.23
N LEU A 258 20.92 -1.03 -17.89
CA LEU A 258 19.92 -0.40 -18.75
C LEU A 258 20.32 1.05 -19.01
N LYS A 259 20.33 1.45 -20.28
CA LYS A 259 20.62 2.83 -20.64
C LYS A 259 19.49 3.33 -21.51
N ILE A 260 19.18 4.63 -21.39
CA ILE A 260 18.15 5.24 -22.24
C ILE A 260 18.97 5.99 -23.30
N LYS A 261 18.81 5.56 -24.57
CA LYS A 261 19.57 5.94 -25.77
C LYS A 261 19.54 7.43 -26.20
N ARG A 262 18.56 8.21 -25.73
CA ARG A 262 18.42 9.61 -26.11
C ARG A 262 17.76 10.41 -25.00
N LYS A 263 17.73 11.75 -25.14
CA LYS A 263 17.06 12.61 -24.18
C LYS A 263 15.56 12.61 -24.51
N VAL A 264 14.78 11.87 -23.72
CA VAL A 264 13.34 11.76 -23.88
C VAL A 264 12.77 12.86 -22.98
N GLU A 265 11.97 13.77 -23.56
CA GLU A 265 11.43 14.92 -22.84
C GLU A 265 10.28 14.62 -21.89
N ASN A 266 9.26 13.88 -22.37
CA ASN A 266 8.04 13.57 -21.59
C ASN A 266 7.84 12.08 -21.43
N ILE A 267 7.17 11.67 -20.36
CA ILE A 267 6.90 10.25 -20.06
C ILE A 267 6.15 9.54 -21.21
N SER A 268 5.33 10.26 -21.98
CA SER A 268 4.57 9.67 -23.09
C SER A 268 5.40 9.45 -24.34
N ASP A 269 6.63 10.00 -24.38
CA ASP A 269 7.50 10.00 -25.56
C ASP A 269 8.39 8.76 -25.72
N PHE A 270 8.44 7.85 -24.72
CA PHE A 270 9.29 6.67 -24.82
C PHE A 270 8.80 5.68 -25.84
N LYS A 271 9.76 5.03 -26.49
CA LYS A 271 9.51 3.97 -27.46
C LYS A 271 10.37 2.79 -27.01
N PHE A 272 9.95 1.57 -27.36
CA PHE A 272 10.69 0.35 -26.98
C PHE A 272 12.18 0.46 -27.33
N GLU A 273 12.52 0.94 -28.57
CA GLU A 273 13.90 1.10 -29.04
C GLU A 273 14.74 2.08 -28.21
N ASP A 274 14.11 2.91 -27.33
CA ASP A 274 14.88 3.86 -26.53
C ASP A 274 15.67 3.17 -25.42
N PHE A 275 15.31 1.90 -25.14
CA PHE A 275 15.98 1.14 -24.08
C PHE A 275 17.11 0.30 -24.60
N GLU A 276 18.24 0.37 -23.92
CA GLU A 276 19.41 -0.43 -24.28
C GLU A 276 19.68 -1.32 -23.08
N LEU A 277 19.28 -2.59 -23.15
CA LEU A 277 19.49 -3.58 -22.09
C LEU A 277 20.73 -4.39 -22.44
N ASP A 278 21.83 -4.18 -21.71
CA ASP A 278 23.11 -4.84 -22.02
C ASP A 278 23.48 -5.88 -20.98
N GLY A 279 24.04 -6.99 -21.45
CA GLY A 279 24.56 -8.02 -20.57
C GLY A 279 23.57 -8.89 -19.82
N TYR A 280 22.38 -9.12 -20.38
CA TYR A 280 21.41 -9.99 -19.71
C TYR A 280 21.78 -11.42 -20.04
N LYS A 281 22.21 -12.17 -19.00
CA LYS A 281 22.70 -13.53 -19.13
C LYS A 281 21.97 -14.47 -18.18
N PRO A 282 20.64 -14.69 -18.36
CA PRO A 282 19.93 -15.58 -17.42
C PRO A 282 20.32 -17.05 -17.59
N HIS A 283 20.10 -17.84 -16.54
CA HIS A 283 20.30 -19.29 -16.55
C HIS A 283 19.32 -19.93 -17.54
N PRO A 284 19.62 -21.13 -18.11
CA PRO A 284 18.70 -21.73 -19.10
C PRO A 284 17.32 -22.14 -18.60
N ARG B 5 13.06 -11.96 20.68
CA ARG B 5 13.26 -10.53 20.94
C ARG B 5 11.90 -9.82 20.97
N HIS B 6 11.70 -8.89 21.94
CA HIS B 6 10.46 -8.11 22.08
C HIS B 6 10.16 -7.42 20.75
N ASP B 7 8.89 -7.52 20.30
CA ASP B 7 8.54 -6.92 19.00
C ASP B 7 8.82 -5.39 18.92
N GLU B 8 8.74 -4.67 20.07
CA GLU B 8 8.94 -3.21 20.06
C GLU B 8 10.38 -2.87 19.61
N TYR B 9 11.33 -3.83 19.70
CA TYR B 9 12.69 -3.51 19.22
C TYR B 9 12.76 -3.20 17.73
N GLN B 10 11.80 -3.70 16.93
CA GLN B 10 11.80 -3.37 15.50
C GLN B 10 11.62 -1.87 15.30
N TYR B 11 10.74 -1.28 16.12
CA TYR B 11 10.41 0.14 16.10
C TYR B 11 11.64 0.97 16.56
N LEU B 12 12.21 0.58 17.70
CA LEU B 12 13.39 1.27 18.24
C LEU B 12 14.58 1.17 17.27
N ASP B 13 14.80 -0.03 16.67
CA ASP B 13 15.90 -0.21 15.73
C ASP B 13 15.75 0.71 14.53
N LEU B 14 14.52 0.88 14.02
CA LEU B 14 14.31 1.77 12.88
C LEU B 14 14.59 3.23 13.25
N ILE B 15 14.16 3.68 14.45
CA ILE B 15 14.44 5.05 14.89
C ILE B 15 15.96 5.25 14.92
N ARG B 16 16.70 4.30 15.53
CA ARG B 16 18.15 4.37 15.62
C ARG B 16 18.77 4.44 14.21
N GLN B 17 18.30 3.59 13.29
CA GLN B 17 18.82 3.55 11.92
C GLN B 17 18.56 4.89 11.18
N ILE B 18 17.33 5.43 11.30
CA ILE B 18 16.98 6.72 10.69
C ILE B 18 17.88 7.84 11.20
N MET B 19 18.06 7.96 12.53
CA MET B 19 18.90 9.04 13.04
C MET B 19 20.34 8.92 12.64
N ARG B 20 20.82 7.68 12.55
CA ARG B 20 22.20 7.45 12.18
C ARG B 20 22.46 7.69 10.69
N THR B 21 21.66 7.06 9.83
CA THR B 21 21.95 7.03 8.38
C THR B 21 20.91 7.68 7.48
N GLY B 22 19.84 8.20 8.06
CA GLY B 22 18.71 8.77 7.30
C GLY B 22 19.08 10.01 6.51
N ASN B 23 18.27 10.30 5.52
CA ASN B 23 18.48 11.43 4.63
C ASN B 23 17.96 12.68 5.29
N ARG B 24 18.82 13.71 5.39
CA ARG B 24 18.45 14.98 5.99
C ARG B 24 17.80 15.84 4.91
N LYS B 25 16.55 16.23 5.11
CA LYS B 25 15.85 17.14 4.18
C LYS B 25 15.43 18.40 4.94
N THR B 31 10.63 23.03 8.67
CA THR B 31 11.02 22.01 9.65
C THR B 31 11.77 20.89 8.95
N GLY B 32 12.89 20.51 9.55
CA GLY B 32 13.76 19.49 9.00
C GLY B 32 13.32 18.10 9.39
N THR B 33 13.45 17.19 8.45
CA THR B 33 13.15 15.79 8.70
C THR B 33 14.39 14.99 8.40
N ILE B 34 14.44 13.79 8.95
CA ILE B 34 15.52 12.83 8.72
C ILE B 34 14.75 11.57 8.31
N SER B 35 14.99 11.04 7.10
CA SER B 35 14.09 9.99 6.63
C SER B 35 14.74 8.83 5.92
N MET B 36 13.99 7.73 5.84
CA MET B 36 14.41 6.57 5.05
C MET B 36 13.15 6.16 4.27
N PHE B 37 13.33 5.47 3.17
CA PHE B 37 12.19 5.06 2.39
C PHE B 37 12.07 3.55 2.33
N GLY B 38 10.93 3.05 2.79
CA GLY B 38 10.67 1.61 2.75
C GLY B 38 11.14 0.89 3.99
N ALA B 39 10.17 0.46 4.82
CA ALA B 39 10.44 -0.34 6.00
C ALA B 39 9.25 -1.26 6.24
N GLN B 40 9.46 -2.31 7.06
CA GLN B 40 8.38 -3.24 7.35
C GLN B 40 8.65 -3.85 8.72
N MET B 41 7.60 -3.87 9.53
CA MET B 41 7.61 -4.42 10.89
CA MET B 41 7.65 -4.50 10.86
C MET B 41 6.50 -5.47 10.98
N ARG B 42 6.67 -6.47 11.87
CA ARG B 42 5.61 -7.45 12.09
C ARG B 42 5.39 -7.56 13.60
N TYR B 43 4.12 -7.41 14.03
CA TYR B 43 3.75 -7.50 15.44
C TYR B 43 2.79 -8.66 15.65
N SER B 44 3.15 -9.61 16.50
CA SER B 44 2.20 -10.67 16.79
C SER B 44 1.02 -10.12 17.59
N LEU B 45 -0.19 -10.58 17.26
CA LEU B 45 -1.42 -10.20 17.98
C LEU B 45 -1.97 -11.45 18.70
N ARG B 46 -1.19 -12.55 18.73
CA ARG B 46 -1.67 -13.83 19.23
C ARG B 46 -1.81 -13.91 20.74
N ASP B 47 -2.68 -14.83 21.18
CA ASP B 47 -2.83 -15.18 22.58
C ASP B 47 -3.15 -13.97 23.49
N GLY B 48 -3.95 -13.06 22.95
CA GLY B 48 -4.41 -11.86 23.67
C GLY B 48 -3.38 -10.75 23.79
N ILE B 49 -2.21 -10.90 23.16
CA ILE B 49 -1.18 -9.87 23.24
C ILE B 49 -1.55 -8.69 22.36
N PHE B 50 -1.44 -7.48 22.90
CA PHE B 50 -1.80 -6.26 22.19
C PHE B 50 -0.61 -5.33 22.09
N PRO B 51 -0.13 -5.01 20.86
CA PRO B 51 1.11 -4.22 20.72
C PRO B 51 0.96 -2.72 20.92
N LEU B 52 0.62 -2.34 22.17
CA LEU B 52 0.53 -0.93 22.55
C LEU B 52 1.92 -0.63 23.09
N LEU B 53 2.69 0.17 22.35
CA LEU B 53 4.08 0.43 22.65
C LEU B 53 4.31 0.97 24.06
N THR B 54 5.41 0.51 24.68
CA THR B 54 5.69 0.76 26.09
C THR B 54 6.80 1.75 26.35
N THR B 55 7.59 2.14 25.32
CA THR B 55 8.71 3.08 25.60
C THR B 55 8.24 4.51 25.82
N LYS B 56 6.95 4.82 25.50
CA LYS B 56 6.30 6.12 25.82
C LYS B 56 4.85 5.75 26.01
N ARG B 57 4.16 6.37 26.97
CA ARG B 57 2.74 6.10 27.18
C ARG B 57 1.93 6.59 25.96
N VAL B 58 1.18 5.66 25.33
CA VAL B 58 0.33 5.94 24.15
C VAL B 58 -1.07 6.25 24.64
N PHE B 59 -1.77 7.08 23.86
CA PHE B 59 -3.12 7.50 24.17
C PHE B 59 -4.13 6.44 23.76
N TRP B 60 -4.23 5.37 24.54
CA TRP B 60 -5.13 4.24 24.28
C TRP B 60 -6.61 4.65 24.05
N ARG B 61 -7.19 5.47 24.96
CA ARG B 61 -8.59 5.88 24.77
C ARG B 61 -8.77 6.63 23.43
N GLY B 62 -7.79 7.44 23.02
CA GLY B 62 -7.82 8.12 21.71
C GLY B 62 -7.73 7.14 20.56
N VAL B 63 -6.86 6.12 20.65
CA VAL B 63 -6.77 5.09 19.58
C VAL B 63 -8.16 4.44 19.39
N ALA B 64 -8.74 3.97 20.52
CA ALA B 64 -10.00 3.24 20.46
C ALA B 64 -11.15 4.11 20.00
N GLU B 65 -11.32 5.29 20.62
CA GLU B 65 -12.42 6.17 20.24
C GLU B 65 -12.29 6.63 18.82
N GLU B 66 -11.06 6.93 18.32
CA GLU B 66 -10.94 7.33 16.92
C GLU B 66 -11.33 6.17 16.02
N LEU B 67 -10.88 4.95 16.35
CA LEU B 67 -11.25 3.82 15.51
C LEU B 67 -12.77 3.57 15.49
N LEU B 68 -13.45 3.69 16.65
CA LEU B 68 -14.91 3.49 16.67
C LEU B 68 -15.61 4.56 15.82
N TRP B 69 -15.03 5.77 15.78
CA TRP B 69 -15.54 6.91 15.00
C TRP B 69 -15.35 6.61 13.50
N PHE B 70 -14.19 6.03 13.09
CA PHE B 70 -14.01 5.63 11.68
C PHE B 70 -15.03 4.55 11.32
N VAL B 71 -15.21 3.54 12.22
CA VAL B 71 -16.14 2.45 11.93
C VAL B 71 -17.58 2.96 11.72
N ARG B 72 -18.00 4.01 12.45
CA ARG B 72 -19.33 4.61 12.29
C ARG B 72 -19.44 5.37 10.96
N GLY B 73 -18.30 5.57 10.27
CA GLY B 73 -18.25 6.34 9.02
C GLY B 73 -18.27 7.84 9.25
N SER B 74 -18.02 8.31 10.47
CA SER B 74 -18.11 9.75 10.75
C SER B 74 -16.92 10.54 10.19
N THR B 75 -17.18 11.79 9.84
CA THR B 75 -16.12 12.72 9.39
C THR B 75 -16.25 14.00 10.21
N ASN B 76 -16.97 13.91 11.34
CA ASN B 76 -17.27 15.07 12.19
C ASN B 76 -16.36 15.07 13.40
N ALA B 77 -15.36 15.97 13.41
CA ALA B 77 -14.40 16.03 14.53
C ALA B 77 -15.08 16.39 15.85
N LYS B 78 -16.28 17.02 15.80
CA LYS B 78 -16.98 17.39 17.05
C LYS B 78 -17.39 16.17 17.85
N GLU B 79 -17.62 15.03 17.18
CA GLU B 79 -17.97 13.78 17.90
C GLU B 79 -16.79 13.26 18.73
N LEU B 80 -15.55 13.55 18.28
CA LEU B 80 -14.35 13.19 19.05
C LEU B 80 -14.14 14.21 20.19
N GLN B 81 -14.36 15.50 19.89
CA GLN B 81 -14.23 16.56 20.90
C GLN B 81 -15.17 16.35 22.09
N GLU B 82 -16.41 15.86 21.82
CA GLU B 82 -17.41 15.59 22.87
C GLU B 82 -16.89 14.51 23.84
N LYS B 83 -15.94 13.69 23.36
CA LYS B 83 -15.31 12.62 24.14
C LYS B 83 -13.93 13.04 24.65
N ASP B 84 -13.61 14.35 24.57
CA ASP B 84 -12.30 14.92 24.99
C ASP B 84 -11.14 14.31 24.21
N ILE B 85 -11.36 14.05 22.93
CA ILE B 85 -10.34 13.56 22.00
C ILE B 85 -10.12 14.69 21.00
N HIS B 86 -8.91 15.26 20.99
CA HIS B 86 -8.61 16.46 20.21
C HIS B 86 -7.62 16.23 19.06
N ILE B 87 -7.41 14.97 18.68
CA ILE B 87 -6.43 14.65 17.62
C ILE B 87 -6.74 15.29 16.27
N TRP B 88 -8.03 15.55 15.95
CA TRP B 88 -8.38 16.15 14.66
C TRP B 88 -8.74 17.63 14.74
N ASP B 89 -8.50 18.28 15.89
CA ASP B 89 -8.85 19.69 16.17
C ASP B 89 -8.23 20.73 15.27
N GLY B 90 -6.90 20.73 15.17
CA GLY B 90 -6.15 21.72 14.38
C GLY B 90 -6.53 21.76 12.91
N ASN B 91 -7.10 20.66 12.42
CA ASN B 91 -7.49 20.51 11.03
C ASN B 91 -8.99 20.67 10.78
N SER B 92 -9.76 21.00 11.83
CA SER B 92 -11.22 21.11 11.72
C SER B 92 -11.78 22.50 12.04
N SER B 93 -10.91 23.44 12.45
CA SER B 93 -11.31 24.82 12.75
C SER B 93 -11.77 25.50 11.47
N LYS B 94 -12.76 26.40 11.56
CA LYS B 94 -13.28 27.15 10.41
C LYS B 94 -12.20 27.99 9.72
N GLU B 95 -11.16 28.41 10.49
CA GLU B 95 -10.02 29.19 10.01
C GLU B 95 -9.09 28.32 9.15
N PHE B 96 -8.78 27.09 9.61
CA PHE B 96 -7.93 26.14 8.91
C PHE B 96 -8.61 25.67 7.61
N LEU B 97 -9.93 25.39 7.67
CA LEU B 97 -10.72 24.94 6.52
C LEU B 97 -10.83 26.02 5.43
N ASN B 98 -10.85 27.31 5.84
CA ASN B 98 -10.88 28.46 4.92
C ASN B 98 -9.53 28.64 4.20
N LYS B 99 -8.42 28.40 4.92
CA LYS B 99 -7.04 28.48 4.42
C LYS B 99 -6.81 27.42 3.31
N MET B 100 -7.38 26.20 3.52
CA MET B 100 -7.35 25.05 2.61
C MET B 100 -8.11 25.31 1.31
N GLY B 101 -9.08 26.24 1.37
CA GLY B 101 -9.91 26.62 0.24
C GLY B 101 -11.35 26.16 0.28
N PHE B 102 -11.78 25.54 1.40
CA PHE B 102 -13.17 25.07 1.58
C PHE B 102 -13.94 26.15 2.36
N HIS B 103 -14.67 27.01 1.63
CA HIS B 103 -15.40 28.15 2.22
C HIS B 103 -16.77 27.81 2.83
N ASP B 104 -17.55 26.90 2.21
CA ASP B 104 -18.88 26.54 2.74
C ASP B 104 -18.82 25.35 3.74
N ARG B 105 -17.60 24.98 4.17
CA ARG B 105 -17.31 23.91 5.12
C ARG B 105 -17.54 24.43 6.56
N GLU B 106 -18.41 23.74 7.32
CA GLU B 106 -18.67 24.13 8.71
C GLU B 106 -17.65 23.52 9.68
N GLU B 107 -17.48 24.18 10.85
CA GLU B 107 -16.57 23.77 11.92
C GLU B 107 -16.75 22.26 12.23
N GLY B 108 -15.64 21.52 12.23
CA GLY B 108 -15.64 20.09 12.52
C GLY B 108 -15.71 19.18 11.31
N ASP B 109 -16.10 19.73 10.14
CA ASP B 109 -16.23 18.96 8.91
C ASP B 109 -14.87 18.73 8.24
N LEU B 110 -14.35 17.52 8.40
CA LEU B 110 -13.03 17.16 7.90
C LEU B 110 -13.07 16.77 6.42
N GLY B 111 -14.24 16.72 5.83
CA GLY B 111 -14.34 16.26 4.44
C GLY B 111 -14.34 14.74 4.37
N PRO B 112 -14.13 14.17 3.16
CA PRO B 112 -14.26 12.72 2.99
C PRO B 112 -13.04 11.90 3.44
N VAL B 113 -12.78 11.98 4.73
CA VAL B 113 -11.64 11.29 5.36
C VAL B 113 -11.98 9.82 5.66
N TYR B 114 -11.10 9.12 6.40
CA TYR B 114 -11.20 7.67 6.62
C TYR B 114 -12.59 7.08 6.75
N GLY B 115 -13.38 7.57 7.71
CA GLY B 115 -14.71 7.01 7.95
C GLY B 115 -15.56 6.92 6.70
N PHE B 116 -15.52 8.00 5.92
CA PHE B 116 -16.28 8.06 4.68
C PHE B 116 -15.70 7.10 3.64
N GLN B 117 -14.37 7.04 3.52
CA GLN B 117 -13.81 6.15 2.51
C GLN B 117 -14.05 4.69 2.87
N TRP B 118 -14.00 4.35 4.16
CA TRP B 118 -14.17 2.95 4.53
C TRP B 118 -15.61 2.48 4.32
N ARG B 119 -16.59 3.39 4.50
CA ARG B 119 -18.00 3.03 4.42
CA ARG B 119 -17.98 2.96 4.40
C ARG B 119 -18.71 3.40 3.13
N HIS B 120 -18.16 4.38 2.41
CA HIS B 120 -18.84 4.97 1.24
C HIS B 120 -17.90 5.34 0.10
N PHE B 121 -16.84 4.55 -0.12
CA PHE B 121 -15.86 4.90 -1.16
C PHE B 121 -16.55 5.14 -2.51
N GLY B 122 -16.28 6.30 -3.11
CA GLY B 122 -16.85 6.58 -4.42
C GLY B 122 -18.11 7.43 -4.40
N ALA B 123 -18.75 7.57 -3.23
CA ALA B 123 -19.94 8.40 -3.14
C ALA B 123 -19.55 9.88 -3.20
N PRO B 124 -20.43 10.73 -3.76
CA PRO B 124 -20.11 12.16 -3.78
C PRO B 124 -20.25 12.72 -2.37
N TYR B 125 -19.22 13.38 -1.87
CA TYR B 125 -19.30 13.98 -0.53
C TYR B 125 -19.97 15.33 -0.61
N ALA B 126 -20.87 15.60 0.33
CA ALA B 126 -21.54 16.89 0.48
C ALA B 126 -21.05 17.49 1.80
N ASP B 127 -21.61 17.05 2.94
CA ASP B 127 -21.11 17.48 4.23
C ASP B 127 -21.11 16.35 5.23
N MET B 128 -20.65 16.62 6.46
CA MET B 128 -20.52 15.60 7.50
C MET B 128 -21.88 15.12 8.06
N HIS B 129 -22.98 15.82 7.72
CA HIS B 129 -24.30 15.42 8.22
C HIS B 129 -25.17 14.72 7.20
N THR B 130 -24.71 14.67 5.93
CA THR B 130 -25.42 14.07 4.82
C THR B 130 -25.65 12.58 5.06
N ASP B 131 -26.83 12.08 4.71
CA ASP B 131 -27.09 10.66 4.87
C ASP B 131 -26.55 9.92 3.65
N TYR B 132 -25.44 9.18 3.85
CA TYR B 132 -24.82 8.44 2.76
C TYR B 132 -25.25 6.96 2.72
N THR B 133 -26.30 6.57 3.49
CA THR B 133 -26.79 5.17 3.55
C THR B 133 -26.92 4.58 2.14
N GLY B 134 -26.26 3.44 1.95
CA GLY B 134 -26.25 2.70 0.69
C GLY B 134 -25.51 3.33 -0.47
N GLN B 135 -24.75 4.45 -0.23
CA GLN B 135 -24.02 5.12 -1.29
C GLN B 135 -22.56 4.69 -1.20
N GLY B 136 -21.93 4.51 -2.36
CA GLY B 136 -20.53 4.12 -2.43
C GLY B 136 -20.27 2.70 -1.98
N VAL B 137 -19.00 2.33 -1.92
CA VAL B 137 -18.62 0.96 -1.55
C VAL B 137 -18.34 0.90 -0.04
N ASP B 138 -19.08 0.04 0.68
CA ASP B 138 -18.81 -0.19 2.09
C ASP B 138 -17.72 -1.22 2.14
N GLN B 139 -16.47 -0.74 2.10
CA GLN B 139 -15.31 -1.64 2.08
C GLN B 139 -15.16 -2.41 3.37
N LEU B 140 -15.51 -1.78 4.52
CA LEU B 140 -15.32 -2.51 5.79
C LEU B 140 -16.28 -3.71 5.86
N GLN B 141 -17.56 -3.52 5.53
CA GLN B 141 -18.47 -4.66 5.52
C GLN B 141 -18.05 -5.68 4.46
N GLN B 142 -17.57 -5.21 3.31
CA GLN B 142 -17.11 -6.11 2.26
C GLN B 142 -15.98 -7.02 2.78
N VAL B 143 -14.99 -6.44 3.51
CA VAL B 143 -13.88 -7.20 4.07
CA VAL B 143 -13.90 -7.28 3.99
C VAL B 143 -14.43 -8.33 4.98
N ILE B 144 -15.35 -7.96 5.85
CA ILE B 144 -15.96 -8.91 6.78
C ILE B 144 -16.69 -10.04 6.04
N ASP B 145 -17.48 -9.68 5.01
CA ASP B 145 -18.24 -10.69 4.23
C ASP B 145 -17.21 -11.63 3.53
N THR B 146 -16.13 -11.07 2.96
CA THR B 146 -15.14 -11.91 2.27
C THR B 146 -14.43 -12.83 3.25
N ILE B 147 -14.03 -12.31 4.42
CA ILE B 147 -13.35 -13.17 5.41
C ILE B 147 -14.26 -14.36 5.79
N LYS B 148 -15.56 -14.09 5.98
CA LYS B 148 -16.50 -15.15 6.36
C LYS B 148 -16.78 -16.15 5.25
N ASN B 149 -16.89 -15.66 3.99
CA ASN B 149 -17.34 -16.49 2.86
C ASN B 149 -16.27 -17.03 1.96
N ASN B 150 -15.15 -16.31 1.83
CA ASN B 150 -14.09 -16.77 0.93
C ASN B 150 -12.75 -16.32 1.54
N PRO B 151 -12.36 -16.90 2.70
CA PRO B 151 -11.15 -16.42 3.41
C PRO B 151 -9.84 -16.53 2.67
N ASP B 152 -9.75 -17.39 1.64
CA ASP B 152 -8.51 -17.51 0.87
C ASP B 152 -8.36 -16.42 -0.17
N ASP B 153 -9.39 -15.59 -0.35
CA ASP B 153 -9.39 -14.51 -1.32
C ASP B 153 -8.14 -13.63 -1.11
N ARG B 154 -7.53 -13.22 -2.23
CA ARG B 154 -6.31 -12.40 -2.18
C ARG B 154 -6.60 -10.92 -2.49
N ARG B 155 -7.87 -10.50 -2.35
CA ARG B 155 -8.28 -9.12 -2.64
C ARG B 155 -9.04 -8.55 -1.45
N ILE B 156 -8.69 -8.98 -0.22
CA ILE B 156 -9.43 -8.50 0.97
C ILE B 156 -8.78 -7.18 1.38
N ILE B 157 -9.21 -6.10 0.71
CA ILE B 157 -8.56 -4.79 0.83
C ILE B 157 -9.52 -3.70 1.19
N MET B 158 -9.04 -2.78 2.01
CA MET B 158 -9.80 -1.57 2.32
C MET B 158 -8.84 -0.41 1.97
N CYS B 159 -9.28 0.50 1.10
CA CYS B 159 -8.42 1.59 0.60
C CYS B 159 -8.97 2.91 1.05
N ALA B 160 -8.13 3.79 1.64
CA ALA B 160 -8.59 5.13 2.01
C ALA B 160 -8.01 6.20 1.07
N TRP B 161 -6.98 5.82 0.30
CA TRP B 161 -6.37 6.74 -0.64
C TRP B 161 -7.26 6.81 -1.87
N ASN B 162 -8.04 7.85 -1.95
CA ASN B 162 -8.97 8.05 -3.05
C ASN B 162 -8.51 9.31 -3.80
N PRO B 163 -7.81 9.17 -4.94
CA PRO B 163 -7.31 10.38 -5.65
C PRO B 163 -8.36 11.45 -5.94
N VAL B 164 -9.63 11.05 -6.15
CA VAL B 164 -10.67 12.04 -6.43
C VAL B 164 -10.94 12.90 -5.19
N ASP B 165 -10.94 12.27 -4.01
CA ASP B 165 -11.34 12.94 -2.77
C ASP B 165 -10.23 13.51 -1.94
N VAL B 166 -8.97 13.08 -2.15
CA VAL B 166 -7.86 13.59 -1.34
C VAL B 166 -7.84 15.14 -1.33
N PRO B 167 -8.03 15.90 -2.44
CA PRO B 167 -8.04 17.38 -2.36
C PRO B 167 -9.17 17.99 -1.50
N LYS B 168 -10.25 17.21 -1.24
CA LYS B 168 -11.36 17.68 -0.38
C LYS B 168 -11.15 17.36 1.10
N MET B 169 -10.19 16.52 1.43
CA MET B 169 -9.95 16.14 2.81
C MET B 169 -9.19 17.23 3.59
N ALA B 170 -9.45 17.30 4.90
CA ALA B 170 -8.74 18.25 5.77
C ALA B 170 -7.22 17.96 5.74
N LEU B 171 -6.85 16.67 5.66
CA LEU B 171 -5.46 16.18 5.57
C LEU B 171 -5.45 14.95 4.63
N PRO B 172 -4.46 14.78 3.74
CA PRO B 172 -4.39 13.55 2.95
C PRO B 172 -4.09 12.35 3.88
N PRO B 173 -4.75 11.20 3.66
CA PRO B 173 -4.56 10.09 4.60
C PRO B 173 -3.16 9.52 4.60
N CYS B 174 -2.63 9.21 5.79
CA CYS B 174 -1.32 8.56 5.87
C CYS B 174 -1.51 7.07 5.63
N HIS B 175 -2.67 6.52 6.04
CA HIS B 175 -2.95 5.07 5.98
C HIS B 175 -3.67 4.77 4.70
N CYS B 176 -2.91 4.43 3.65
CA CYS B 176 -3.45 4.34 2.29
C CYS B 176 -4.34 3.16 2.09
N LEU B 177 -3.89 2.01 2.56
CA LEU B 177 -4.72 0.84 2.40
C LEU B 177 -4.32 -0.20 3.38
N CYS B 178 -5.21 -1.15 3.60
CA CYS B 178 -4.87 -2.30 4.40
C CYS B 178 -5.42 -3.54 3.75
N GLN B 179 -4.73 -4.66 3.97
CA GLN B 179 -5.12 -5.91 3.36
C GLN B 179 -5.19 -6.94 4.47
N PHE B 180 -6.15 -7.87 4.36
CA PHE B 180 -6.32 -8.95 5.34
C PHE B 180 -5.95 -10.29 4.75
N TYR B 181 -5.62 -11.24 5.62
CA TYR B 181 -5.19 -12.57 5.21
C TYR B 181 -5.62 -13.56 6.28
N VAL B 182 -6.07 -14.76 5.86
CA VAL B 182 -6.54 -15.77 6.82
C VAL B 182 -5.78 -17.05 6.61
N ALA B 183 -5.27 -17.64 7.71
CA ALA B 183 -4.64 -18.95 7.67
C ALA B 183 -4.63 -19.51 9.05
N ASN B 184 -4.91 -20.83 9.13
CA ASN B 184 -4.87 -21.54 10.42
C ASN B 184 -5.72 -20.88 11.48
N GLY B 185 -6.91 -20.47 11.05
CA GLY B 185 -7.89 -19.84 11.91
C GLY B 185 -7.50 -18.48 12.45
N GLU B 186 -6.44 -17.89 11.88
CA GLU B 186 -5.95 -16.56 12.31
C GLU B 186 -6.17 -15.51 11.24
N LEU B 187 -6.48 -14.30 11.68
CA LEU B 187 -6.62 -13.12 10.80
C LEU B 187 -5.41 -12.21 10.94
N SER B 188 -4.73 -11.94 9.83
CA SER B 188 -3.61 -10.99 9.83
C SER B 188 -4.01 -9.74 9.01
N CYS B 189 -3.31 -8.64 9.23
CA CYS B 189 -3.60 -7.38 8.54
C CYS B 189 -2.28 -6.76 8.18
N GLN B 190 -2.17 -6.22 6.96
CA GLN B 190 -0.99 -5.44 6.57
C GLN B 190 -1.47 -4.02 6.22
N LEU B 191 -0.80 -3.02 6.79
CA LEU B 191 -1.12 -1.62 6.54
C LEU B 191 -0.01 -1.01 5.67
N TYR B 192 -0.41 -0.25 4.58
CA TYR B 192 0.59 0.50 3.84
C TYR B 192 0.41 1.95 4.31
N GLN B 193 1.45 2.46 5.02
CA GLN B 193 1.42 3.83 5.55
C GLN B 193 2.45 4.67 4.75
N ARG B 194 1.96 5.64 3.96
CA ARG B 194 2.85 6.41 3.08
C ARG B 194 3.84 7.33 3.79
N SER B 195 3.51 7.73 5.03
CA SER B 195 4.25 8.73 5.75
C SER B 195 4.11 8.42 7.22
N ALA B 196 5.26 8.26 7.90
CA ALA B 196 5.26 7.79 9.26
C ALA B 196 6.20 8.59 10.13
N ASP B 197 5.65 9.35 11.07
CA ASP B 197 6.48 10.05 12.05
C ASP B 197 6.77 9.03 13.16
N MET B 198 8.04 8.60 13.25
CA MET B 198 8.47 7.59 14.21
C MET B 198 8.31 8.01 15.66
N GLY B 199 8.22 9.29 15.94
CA GLY B 199 8.10 9.76 17.31
C GLY B 199 6.72 9.50 17.87
N LEU B 200 5.76 10.40 17.58
CA LEU B 200 4.42 10.25 18.14
C LEU B 200 3.41 9.58 17.22
N GLY B 201 3.69 9.49 15.93
CA GLY B 201 2.71 8.93 15.03
C GLY B 201 2.61 7.42 15.03
N VAL B 202 3.72 6.77 14.70
CA VAL B 202 3.78 5.32 14.53
C VAL B 202 3.23 4.52 15.73
N PRO B 203 3.51 4.82 17.01
CA PRO B 203 2.93 3.96 18.07
C PRO B 203 1.39 3.95 18.02
N PHE B 204 0.80 5.14 17.87
CA PHE B 204 -0.65 5.26 17.80
C PHE B 204 -1.19 4.44 16.61
N ASN B 205 -0.51 4.55 15.45
CA ASN B 205 -0.92 3.87 14.20
C ASN B 205 -0.87 2.35 14.31
N ILE B 206 0.17 1.81 14.99
CA ILE B 206 0.23 0.37 15.22
C ILE B 206 -1.00 -0.05 16.03
N ALA B 207 -1.30 0.70 17.13
CA ALA B 207 -2.42 0.33 17.98
C ALA B 207 -3.74 0.36 17.24
N SER B 208 -3.95 1.39 16.38
CA SER B 208 -5.20 1.49 15.65
C SER B 208 -5.47 0.25 14.80
N TYR B 209 -4.46 -0.16 13.99
CA TYR B 209 -4.69 -1.27 13.07
C TYR B 209 -4.61 -2.64 13.77
N ALA B 210 -3.88 -2.72 14.89
CA ALA B 210 -3.92 -3.95 15.69
C ALA B 210 -5.35 -4.10 16.30
N LEU B 211 -5.93 -2.96 16.76
CA LEU B 211 -7.26 -2.97 17.34
C LEU B 211 -8.29 -3.33 16.27
N LEU B 212 -8.19 -2.75 15.08
CA LEU B 212 -9.13 -3.09 14.00
C LEU B 212 -9.07 -4.61 13.72
N THR B 213 -7.85 -5.19 13.68
CA THR B 213 -7.71 -6.63 13.48
C THR B 213 -8.37 -7.41 14.58
N TYR B 214 -8.19 -6.99 15.86
CA TYR B 214 -8.88 -7.67 16.97
C TYR B 214 -10.42 -7.61 16.78
N MET B 215 -10.95 -6.44 16.40
CA MET B 215 -12.40 -6.29 16.20
C MET B 215 -12.94 -7.15 15.07
N ILE B 216 -12.26 -7.13 13.91
CA ILE B 216 -12.72 -7.94 12.76
C ILE B 216 -12.57 -9.43 13.07
N ALA B 217 -11.46 -9.83 13.72
CA ALA B 217 -11.31 -11.25 14.09
C ALA B 217 -12.47 -11.68 14.98
N HIS B 218 -12.85 -10.83 15.96
CA HIS B 218 -13.91 -11.15 16.90
C HIS B 218 -15.24 -11.39 16.17
N VAL B 219 -15.58 -10.51 15.24
CA VAL B 219 -16.86 -10.63 14.54
C VAL B 219 -16.84 -11.69 13.42
N THR B 220 -15.64 -12.19 13.04
CA THR B 220 -15.54 -13.25 12.00
C THR B 220 -15.18 -14.62 12.62
N ASP B 221 -15.19 -14.73 13.96
CA ASP B 221 -14.90 -15.99 14.66
C ASP B 221 -13.49 -16.53 14.36
N LEU B 222 -12.53 -15.61 14.20
CA LEU B 222 -11.13 -15.97 13.96
C LEU B 222 -10.30 -15.43 15.11
N LYS B 223 -9.06 -15.84 15.18
CA LYS B 223 -8.16 -15.37 16.23
C LYS B 223 -7.22 -14.35 15.58
N PRO B 224 -6.82 -13.27 16.26
CA PRO B 224 -5.83 -12.35 15.65
C PRO B 224 -4.48 -13.08 15.40
N GLY B 225 -3.84 -12.77 14.27
CA GLY B 225 -2.58 -13.36 13.84
C GLY B 225 -1.45 -12.35 13.94
N ASP B 226 -1.08 -11.73 12.83
CA ASP B 226 -0.05 -10.69 12.84
C ASP B 226 -0.58 -9.38 12.33
N PHE B 227 0.08 -8.29 12.75
CA PHE B 227 -0.11 -6.97 12.15
C PHE B 227 1.22 -6.68 11.45
N VAL B 228 1.19 -6.51 10.10
CA VAL B 228 2.37 -6.19 9.31
C VAL B 228 2.26 -4.70 8.98
N HIS B 229 3.27 -3.93 9.39
CA HIS B 229 3.25 -2.49 9.18
C HIS B 229 4.27 -2.14 8.15
N THR B 230 3.79 -1.66 6.97
CA THR B 230 4.70 -1.26 5.92
C THR B 230 4.73 0.26 5.80
N LEU B 231 5.97 0.83 5.77
CA LEU B 231 6.11 2.28 5.70
C LEU B 231 6.73 2.73 4.39
N GLY B 232 6.29 3.90 3.95
CA GLY B 232 6.87 4.58 2.80
C GLY B 232 7.95 5.51 3.33
N ASP B 233 7.60 6.79 3.49
CA ASP B 233 8.56 7.79 4.03
C ASP B 233 8.54 7.71 5.55
N ALA B 234 9.51 6.99 6.15
CA ALA B 234 9.59 6.83 7.60
C ALA B 234 10.60 7.87 8.12
N HIS B 235 10.18 8.70 9.05
CA HIS B 235 11.04 9.84 9.38
C HIS B 235 10.90 10.27 10.81
N VAL B 236 11.87 11.09 11.22
CA VAL B 236 11.84 11.78 12.49
C VAL B 236 12.07 13.26 12.21
N TYR B 237 11.50 14.11 13.03
CA TYR B 237 11.74 15.54 12.89
C TYR B 237 13.04 15.90 13.62
N SER B 238 13.86 16.78 13.02
CA SER B 238 15.16 17.12 13.61
C SER B 238 15.07 17.61 15.05
N ASN B 239 13.98 18.35 15.37
CA ASN B 239 13.82 18.91 16.73
C ASN B 239 13.41 17.86 17.77
N HIS B 240 13.17 16.61 17.34
CA HIS B 240 12.80 15.49 18.25
C HIS B 240 13.96 14.53 18.48
N CYS B 241 15.13 14.75 17.82
CA CYS B 241 16.25 13.83 17.98
C CYS B 241 16.75 13.69 19.42
N GLU B 242 16.81 14.79 20.18
CA GLU B 242 17.26 14.70 21.58
C GLU B 242 16.28 13.81 22.39
N ALA B 243 14.96 14.08 22.26
CA ALA B 243 13.90 13.29 22.90
C ALA B 243 13.94 11.82 22.48
N LEU B 244 14.24 11.55 21.18
CA LEU B 244 14.32 10.17 20.69
C LEU B 244 15.54 9.44 21.18
N GLU B 245 16.67 10.15 21.36
CA GLU B 245 17.86 9.57 21.97
C GLU B 245 17.53 9.16 23.43
N GLU B 246 16.68 9.91 24.14
CA GLU B 246 16.25 9.57 25.52
C GLU B 246 15.35 8.33 25.46
N GLN B 247 14.44 8.26 24.45
CA GLN B 247 13.59 7.08 24.32
C GLN B 247 14.39 5.82 24.06
N LEU B 248 15.45 5.90 23.23
CA LEU B 248 16.27 4.74 22.86
C LEU B 248 17.00 4.10 24.04
N LYS B 249 17.08 4.81 25.17
CA LYS B 249 17.72 4.31 26.40
C LYS B 249 16.77 3.34 27.16
N ARG B 250 15.49 3.35 26.80
CA ARG B 250 14.43 2.59 27.49
C ARG B 250 14.22 1.21 26.92
N GLU B 251 14.11 0.23 27.83
CA GLU B 251 13.87 -1.16 27.48
C GLU B 251 12.33 -1.37 27.40
N PRO B 252 11.82 -1.98 26.32
CA PRO B 252 10.36 -2.24 26.26
C PRO B 252 9.93 -3.15 27.42
N ARG B 253 8.73 -2.90 27.91
CA ARG B 253 8.11 -3.71 28.94
C ARG B 253 7.20 -4.71 28.21
N PRO B 254 6.92 -5.90 28.80
CA PRO B 254 5.99 -6.83 28.13
C PRO B 254 4.71 -6.12 27.71
N PHE B 255 4.21 -6.43 26.53
CA PHE B 255 3.00 -5.77 26.05
C PHE B 255 1.79 -6.14 26.92
N PRO B 256 0.77 -5.26 26.91
CA PRO B 256 -0.45 -5.57 27.65
C PRO B 256 -1.26 -6.64 26.90
N SER B 257 -2.35 -7.09 27.53
CA SER B 257 -3.25 -8.01 26.86
C SER B 257 -4.56 -7.27 26.57
N LEU B 258 -5.30 -7.72 25.56
CA LEU B 258 -6.59 -7.13 25.24
C LEU B 258 -7.64 -8.22 25.17
N LYS B 259 -8.76 -8.02 25.85
CA LYS B 259 -9.90 -8.94 25.76
C LYS B 259 -11.14 -8.15 25.40
N ILE B 260 -12.04 -8.79 24.65
CA ILE B 260 -13.33 -8.19 24.31
C ILE B 260 -14.31 -8.85 25.29
N LYS B 261 -14.93 -8.02 26.16
CA LYS B 261 -15.78 -8.37 27.30
C LYS B 261 -17.08 -9.13 27.03
N ARG B 262 -17.57 -9.11 25.78
CA ARG B 262 -18.83 -9.76 25.42
C ARG B 262 -18.81 -10.22 23.98
N LYS B 263 -19.84 -10.97 23.56
CA LYS B 263 -19.97 -11.42 22.18
C LYS B 263 -20.57 -10.28 21.37
N VAL B 264 -19.75 -9.66 20.54
CA VAL B 264 -20.18 -8.55 19.68
C VAL B 264 -20.51 -9.14 18.33
N GLU B 265 -21.74 -8.96 17.87
CA GLU B 265 -22.20 -9.57 16.63
C GLU B 265 -21.70 -8.92 15.34
N ASN B 266 -21.80 -7.58 15.20
CA ASN B 266 -21.43 -6.84 13.98
C ASN B 266 -20.33 -5.82 14.34
N ILE B 267 -19.51 -5.51 13.36
CA ILE B 267 -18.41 -4.53 13.50
C ILE B 267 -18.91 -3.14 13.99
N SER B 268 -20.17 -2.77 13.67
CA SER B 268 -20.70 -1.47 14.08
C SER B 268 -21.17 -1.44 15.54
N ASP B 269 -21.19 -2.60 16.23
CA ASP B 269 -21.73 -2.73 17.57
C ASP B 269 -20.75 -2.53 18.72
N PHE B 270 -19.46 -2.28 18.41
CA PHE B 270 -18.52 -2.12 19.49
C PHE B 270 -18.67 -0.79 20.22
N LYS B 271 -18.39 -0.81 21.51
CA LYS B 271 -18.39 0.39 22.37
C LYS B 271 -17.03 0.37 23.09
N PHE B 272 -16.49 1.54 23.46
CA PHE B 272 -15.20 1.56 24.18
C PHE B 272 -15.17 0.67 25.44
N GLU B 273 -16.28 0.63 26.22
CA GLU B 273 -16.33 -0.21 27.42
C GLU B 273 -16.19 -1.71 27.15
N ASP B 274 -16.36 -2.13 25.89
CA ASP B 274 -16.24 -3.53 25.53
C ASP B 274 -14.80 -4.03 25.58
N PHE B 275 -13.80 -3.10 25.57
CA PHE B 275 -12.38 -3.48 25.59
C PHE B 275 -11.82 -3.52 26.99
N GLU B 276 -11.08 -4.59 27.28
CA GLU B 276 -10.41 -4.77 28.56
C GLU B 276 -8.92 -4.84 28.26
N LEU B 277 -8.21 -3.74 28.50
CA LEU B 277 -6.77 -3.65 28.28
C LEU B 277 -6.08 -3.84 29.63
N ASP B 278 -5.40 -4.98 29.80
CA ASP B 278 -4.78 -5.33 31.08
C ASP B 278 -3.26 -5.29 31.02
N GLY B 279 -2.66 -4.78 32.09
CA GLY B 279 -1.21 -4.78 32.25
C GLY B 279 -0.41 -3.83 31.41
N TYR B 280 -0.98 -2.67 31.06
CA TYR B 280 -0.24 -1.67 30.28
C TYR B 280 0.62 -0.90 31.26
N LYS B 281 1.94 -1.07 31.12
CA LYS B 281 2.91 -0.47 32.04
C LYS B 281 3.94 0.34 31.26
N PRO B 282 3.56 1.48 30.64
CA PRO B 282 4.53 2.21 29.83
C PRO B 282 5.46 3.10 30.63
N HIS B 283 6.56 3.47 29.99
CA HIS B 283 7.48 4.49 30.47
C HIS B 283 6.75 5.83 30.21
N PRO B 284 7.10 6.94 30.91
CA PRO B 284 6.36 8.20 30.75
C PRO B 284 6.44 8.80 29.35
N LYS B 285 5.48 9.68 29.05
CA LYS B 285 5.49 10.42 27.80
C LYS B 285 6.75 11.29 27.72
N ILE B 286 7.21 11.51 26.48
CA ILE B 286 8.35 12.39 26.22
C ILE B 286 7.80 13.44 25.27
N LYS B 287 8.02 14.70 25.62
CA LYS B 287 7.56 15.84 24.83
C LYS B 287 8.24 15.85 23.46
N MET B 288 7.41 15.86 22.39
CA MET B 288 7.84 15.96 20.99
C MET B 288 6.86 16.91 20.31
N GLU B 289 7.15 18.19 20.43
CA GLU B 289 6.27 19.26 19.95
C GLU B 289 6.66 19.80 18.59
N MET B 290 5.78 20.60 17.98
CA MET B 290 6.04 21.15 16.65
C MET B 290 6.94 22.38 16.68
N1 UMP C . -0.02 -12.38 -10.49
C2 UMP C . 1.24 -11.90 -10.19
N3 UMP C . 1.57 -10.71 -10.80
C4 UMP C . 0.81 -9.99 -11.70
C5 UMP C . -0.49 -10.56 -11.97
C6 UMP C . -0.85 -11.70 -11.37
O2 UMP C . 2.02 -12.48 -9.45
O4 UMP C . 1.26 -8.99 -12.23
C1' UMP C . -0.44 -13.65 -9.87
C2' UMP C . -0.78 -13.55 -8.38
C3' UMP C . -1.82 -14.66 -8.25
C4' UMP C . -2.62 -14.48 -9.55
O3' UMP C . -1.17 -15.93 -8.27
O4' UMP C . -1.65 -14.07 -10.53
C5' UMP C . -3.72 -13.44 -9.47
O5' UMP C . -4.83 -14.06 -8.79
P UMP C . -5.64 -13.29 -7.61
OP1 UMP C . -6.60 -14.35 -7.13
OP2 UMP C . -4.67 -12.86 -6.55
OP3 UMP C . -6.34 -12.10 -8.23
N1 UMP D . 1.46 11.23 10.73
C2 UMP D . 1.68 9.96 11.23
N3 UMP D . 0.54 9.21 11.44
C4 UMP D . -0.77 9.60 11.22
C5 UMP D . -0.93 10.93 10.71
C6 UMP D . 0.17 11.68 10.49
O2 UMP D . 2.79 9.52 11.45
O4 UMP D . -1.67 8.83 11.52
C1' UMP D . 2.63 12.11 10.50
C2' UMP D . 3.47 11.74 9.28
C3' UMP D . 4.00 13.11 8.88
C4' UMP D . 2.79 14.00 9.11
O3' UMP D . 5.05 13.51 9.77
O4' UMP D . 2.13 13.42 10.26
C5' UMP D . 1.80 14.05 7.96
O5' UMP D . 2.35 14.94 6.98
P UMP D . 2.39 14.56 5.40
OP1 UMP D . 3.18 15.74 4.84
OP2 UMP D . 3.06 13.24 5.22
OP3 UMP D . 0.96 14.49 4.93
#